data_5NVB
#
_entry.id   5NVB
#
_entity_poly.entity_id   1
_entity_poly.type   'polypeptide(L)'
_entity_poly.pdbx_seq_one_letter_code
;KNVKSKIGSTENLKH
;
_entity_poly.pdbx_strand_id   A
#
# COMPACT_ATOMS: atom_id res chain seq x y z
N LYS A 1 3.31 0.97 12.21
CA LYS A 1 4.66 1.01 11.65
C LYS A 1 4.62 0.18 10.38
N ASN A 2 4.63 -1.12 10.58
CA ASN A 2 4.52 -2.04 9.48
C ASN A 2 3.05 -2.22 9.21
N VAL A 3 2.26 -1.40 9.94
CA VAL A 3 0.80 -1.45 9.82
C VAL A 3 0.27 -0.03 9.58
N LYS A 4 -0.79 0.09 8.78
CA LYS A 4 -1.35 1.40 8.44
C LYS A 4 -0.35 2.17 7.58
N SER A 5 0.14 1.46 6.54
CA SER A 5 1.13 2.00 5.63
C SER A 5 0.54 2.31 4.26
N LYS A 6 1.10 3.34 3.64
CA LYS A 6 0.68 3.84 2.32
C LYS A 6 0.74 2.74 1.26
N ILE A 7 1.67 1.80 1.44
CA ILE A 7 1.88 0.75 0.46
C ILE A 7 0.59 -0.01 0.12
N GLY A 8 -0.32 -0.21 1.07
CA GLY A 8 -1.51 -0.94 0.73
C GLY A 8 -2.18 -0.31 -0.49
N SER A 9 -2.15 1.02 -0.59
CA SER A 9 -2.72 1.68 -1.77
C SER A 9 -1.94 1.27 -3.01
N THR A 10 -0.64 1.02 -2.80
CA THR A 10 0.26 0.59 -3.88
C THR A 10 -0.22 -0.74 -4.46
N GLU A 11 -0.77 -1.56 -3.58
CA GLU A 11 -1.24 -2.90 -3.94
C GLU A 11 -2.15 -2.87 -5.17
N ASN A 12 -2.90 -1.79 -5.37
CA ASN A 12 -3.76 -1.73 -6.55
C ASN A 12 -3.00 -1.32 -7.74
N LEU A 13 -1.70 -1.15 -7.61
CA LEU A 13 -0.93 -0.76 -8.75
C LEU A 13 -1.75 0.16 -9.63
N LYS A 14 -1.33 0.26 -10.84
CA LYS A 14 -2.01 1.08 -11.81
C LYS A 14 -3.45 0.61 -12.05
N HIS A 15 -3.64 -0.71 -12.05
CA HIS A 15 -4.96 -1.29 -12.28
C HIS A 15 -5.60 -1.76 -10.98
N LYS A 1 4.45 2.62 10.27
CA LYS A 1 4.71 1.25 10.71
C LYS A 1 4.66 0.31 9.52
N ASN A 2 4.72 -0.99 9.79
CA ASN A 2 4.66 -1.97 8.72
C ASN A 2 3.20 -2.26 8.39
N VAL A 3 2.31 -1.55 9.08
CA VAL A 3 0.87 -1.69 8.87
C VAL A 3 0.24 -0.31 8.75
N LYS A 4 -0.76 -0.16 7.88
CA LYS A 4 -1.42 1.13 7.71
C LYS A 4 -0.43 2.16 7.17
N SER A 5 0.29 1.77 6.12
CA SER A 5 1.31 2.63 5.53
C SER A 5 0.96 3.00 4.08
N LYS A 6 1.54 4.11 3.63
CA LYS A 6 1.32 4.64 2.29
C LYS A 6 1.65 3.58 1.24
N ILE A 7 2.61 2.73 1.56
CA ILE A 7 3.04 1.69 0.63
C ILE A 7 1.85 0.83 0.21
N GLY A 8 0.91 0.62 1.11
CA GLY A 8 -0.25 -0.20 0.78
C GLY A 8 -0.93 0.31 -0.48
N SER A 9 -0.92 1.62 -0.71
CA SER A 9 -1.55 2.14 -1.93
C SER A 9 -0.87 1.49 -3.14
N THR A 10 0.44 1.27 -3.02
CA THR A 10 1.23 0.64 -4.07
C THR A 10 0.69 -0.75 -4.39
N GLU A 11 0.20 -1.42 -3.35
CA GLU A 11 -0.30 -2.80 -3.48
C GLU A 11 -1.34 -2.91 -4.59
N ASN A 12 -2.09 -1.85 -4.84
CA ASN A 12 -3.09 -1.89 -5.90
C ASN A 12 -2.43 -1.63 -7.25
N LEU A 13 -1.10 -1.56 -7.24
CA LEU A 13 -0.34 -1.28 -8.46
C LEU A 13 -1.13 -0.36 -9.39
N LYS A 14 -1.62 -0.89 -10.50
CA LYS A 14 -2.41 -0.10 -11.43
C LYS A 14 -3.88 -0.17 -11.06
N HIS A 15 -4.48 -1.35 -11.27
CA HIS A 15 -5.89 -1.62 -10.99
C HIS A 15 -6.58 -0.41 -10.34
N LYS A 1 2.93 3.45 11.97
CA LYS A 1 4.21 2.76 11.91
C LYS A 1 4.26 1.87 10.67
N ASN A 2 4.53 0.58 10.88
CA ASN A 2 4.60 -0.36 9.78
C ASN A 2 3.21 -0.93 9.44
N VAL A 3 2.17 -0.37 10.08
CA VAL A 3 0.80 -0.84 9.83
C VAL A 3 0.03 0.27 9.14
N LYS A 4 -0.73 -0.09 8.09
CA LYS A 4 -1.48 0.89 7.31
C LYS A 4 -0.50 1.85 6.67
N SER A 5 0.60 1.28 6.17
CA SER A 5 1.65 2.06 5.53
C SER A 5 1.27 2.53 4.13
N LYS A 6 2.02 3.53 3.67
CA LYS A 6 1.84 4.10 2.35
C LYS A 6 2.02 3.00 1.29
N ILE A 7 2.86 2.03 1.62
CA ILE A 7 3.17 0.92 0.73
C ILE A 7 1.90 0.20 0.29
N GLY A 8 0.92 0.10 1.18
CA GLY A 8 -0.32 -0.57 0.82
C GLY A 8 -0.87 0.03 -0.47
N SER A 9 -0.65 1.32 -0.67
CA SER A 9 -1.12 1.98 -1.88
C SER A 9 -0.52 1.28 -3.10
N THR A 10 0.73 0.83 -2.94
CA THR A 10 1.42 0.13 -4.02
C THR A 10 0.64 -1.12 -4.43
N GLU A 11 0.05 -1.77 -3.44
CA GLU A 11 -0.72 -2.98 -3.67
C GLU A 11 -1.83 -2.76 -4.70
N ASN A 12 -2.41 -1.56 -4.71
CA ASN A 12 -3.49 -1.28 -5.66
C ASN A 12 -3.04 -1.49 -7.11
N LEU A 13 -1.78 -1.18 -7.42
CA LEU A 13 -1.31 -1.35 -8.79
C LEU A 13 -2.09 -0.43 -9.70
N LYS A 14 -2.37 -0.93 -10.89
CA LYS A 14 -3.13 -0.21 -11.90
C LYS A 14 -4.18 -1.16 -12.46
N HIS A 15 -5.41 -0.72 -12.59
CA HIS A 15 -6.47 -1.60 -13.10
C HIS A 15 -6.95 -2.54 -12.00
N LYS A 1 5.38 3.12 10.41
CA LYS A 1 5.65 1.75 10.83
C LYS A 1 5.31 0.77 9.72
N ASN A 2 5.44 -0.52 10.03
CA ASN A 2 5.12 -1.55 9.05
C ASN A 2 3.63 -1.87 9.07
N VAL A 3 2.87 -1.11 9.87
CA VAL A 3 1.43 -1.34 9.96
C VAL A 3 0.67 -0.12 9.43
N LYS A 4 -0.34 -0.37 8.61
CA LYS A 4 -1.15 0.70 8.03
C LYS A 4 -0.28 1.60 7.15
N SER A 5 0.60 0.98 6.36
CA SER A 5 1.48 1.73 5.49
C SER A 5 0.68 2.45 4.40
N LYS A 6 1.26 3.52 3.87
CA LYS A 6 0.61 4.27 2.80
C LYS A 6 0.92 3.57 1.47
N ILE A 7 1.70 2.50 1.58
CA ILE A 7 2.10 1.70 0.43
C ILE A 7 0.83 1.19 -0.23
N GLY A 8 -0.23 1.13 0.55
CA GLY A 8 -1.49 0.57 0.09
C GLY A 8 -1.91 1.18 -1.23
N SER A 9 -1.58 2.44 -1.47
CA SER A 9 -1.94 3.02 -2.74
C SER A 9 -1.34 2.19 -3.88
N THR A 10 -0.11 1.68 -3.68
CA THR A 10 0.51 0.83 -4.71
C THR A 10 -0.07 -0.58 -4.70
N GLU A 11 -0.65 -0.97 -3.58
CA GLU A 11 -1.26 -2.29 -3.45
C GLU A 11 -2.29 -2.49 -4.56
N ASN A 12 -2.87 -1.38 -4.98
CA ASN A 12 -3.88 -1.39 -6.05
C ASN A 12 -3.38 -2.07 -7.30
N LEU A 13 -2.09 -1.99 -7.57
CA LEU A 13 -1.58 -2.59 -8.78
C LEU A 13 -2.43 -2.17 -9.97
N LYS A 14 -1.87 -1.25 -10.70
CA LYS A 14 -2.51 -0.68 -11.89
C LYS A 14 -2.91 -1.75 -12.91
N HIS A 15 -2.10 -2.79 -13.04
CA HIS A 15 -2.38 -3.86 -14.01
C HIS A 15 -2.71 -3.24 -15.37
N LYS A 1 2.09 3.45 11.85
CA LYS A 1 3.35 2.75 12.05
C LYS A 1 3.50 1.63 11.04
N ASN A 2 4.42 0.73 11.32
CA ASN A 2 4.64 -0.41 10.46
C ASN A 2 3.33 -1.17 10.29
N VAL A 3 2.52 -1.21 11.35
CA VAL A 3 1.26 -1.94 11.25
C VAL A 3 0.45 -1.42 10.06
N LYS A 4 0.53 -0.12 9.79
CA LYS A 4 -0.16 0.45 8.62
C LYS A 4 0.89 0.94 7.63
N SER A 5 0.77 0.59 6.36
CA SER A 5 1.74 1.07 5.37
C SER A 5 1.11 1.81 4.20
N LYS A 6 1.81 2.84 3.74
CA LYS A 6 1.43 3.61 2.57
C LYS A 6 1.37 2.69 1.36
N ILE A 7 2.29 1.73 1.39
CA ILE A 7 2.52 0.76 0.33
C ILE A 7 1.29 -0.07 -0.05
N GLY A 8 0.42 -0.42 0.89
CA GLY A 8 -0.71 -1.26 0.51
C GLY A 8 -1.41 -0.68 -0.71
N SER A 9 -1.48 0.65 -0.79
CA SER A 9 -2.09 1.27 -1.95
C SER A 9 -1.32 0.86 -3.21
N THR A 10 0.00 0.73 -3.05
CA THR A 10 0.88 0.35 -4.16
C THR A 10 0.48 -1.00 -4.73
N GLU A 11 0.05 -1.88 -3.84
CA GLU A 11 -0.34 -3.23 -4.24
C GLU A 11 -1.40 -3.20 -5.34
N ASN A 12 -2.27 -2.20 -5.34
CA ASN A 12 -3.29 -2.08 -6.37
C ASN A 12 -2.69 -2.04 -7.76
N LEU A 13 -1.52 -1.43 -7.87
CA LEU A 13 -0.90 -1.28 -9.17
C LEU A 13 -1.80 -0.39 -9.99
N LYS A 14 -1.89 -0.67 -11.26
CA LYS A 14 -2.74 0.10 -12.15
C LYS A 14 -4.20 0.07 -11.70
N HIS A 15 -4.65 -1.08 -11.20
CA HIS A 15 -6.04 -1.22 -10.75
C HIS A 15 -6.10 -1.46 -9.24
N LYS A 1 5.81 1.09 15.11
CA LYS A 1 4.59 0.54 14.52
C LYS A 1 4.90 -0.30 13.30
N ASN A 2 5.22 0.41 12.22
CA ASN A 2 5.51 -0.22 10.93
C ASN A 2 4.31 -1.05 10.51
N VAL A 3 3.12 -0.48 10.71
CA VAL A 3 1.88 -1.16 10.33
C VAL A 3 1.07 -0.28 9.39
N LYS A 4 0.51 -0.86 8.33
CA LYS A 4 -0.30 -0.10 7.39
C LYS A 4 0.58 0.94 6.68
N SER A 5 1.71 0.46 6.17
CA SER A 5 2.68 1.32 5.48
C SER A 5 2.09 1.96 4.21
N LYS A 6 2.72 3.07 3.81
CA LYS A 6 2.33 3.81 2.61
C LYS A 6 2.37 2.94 1.37
N ILE A 7 3.26 1.94 1.36
CA ILE A 7 3.41 1.07 0.19
C ILE A 7 2.05 0.47 -0.14
N GLY A 8 1.17 0.44 0.85
CA GLY A 8 -0.16 -0.12 0.66
C GLY A 8 -0.79 0.51 -0.57
N SER A 9 -0.38 1.72 -0.90
CA SER A 9 -0.91 2.37 -2.09
C SER A 9 -0.66 1.44 -3.28
N THR A 10 0.45 0.70 -3.21
CA THR A 10 0.78 -0.24 -4.27
C THR A 10 -0.24 -1.37 -4.31
N GLU A 11 -0.89 -1.59 -3.16
CA GLU A 11 -1.92 -2.64 -3.05
C GLU A 11 -3.03 -2.39 -4.05
N ASN A 12 -3.27 -1.12 -4.36
CA ASN A 12 -4.34 -0.74 -5.29
C ASN A 12 -4.19 -1.47 -6.62
N LEU A 13 -2.95 -1.74 -7.03
CA LEU A 13 -2.71 -2.44 -8.29
C LEU A 13 -3.73 -1.98 -9.34
N LYS A 14 -3.34 -0.99 -10.13
CA LYS A 14 -4.24 -0.41 -11.15
C LYS A 14 -4.72 -1.44 -12.16
N HIS A 15 -3.87 -2.38 -12.56
CA HIS A 15 -4.28 -3.39 -13.54
C HIS A 15 -4.53 -4.74 -12.88
N LYS A 1 2.33 1.76 13.20
CA LYS A 1 3.30 2.38 12.32
C LYS A 1 3.58 1.47 11.13
N ASN A 2 3.70 0.18 11.41
CA ASN A 2 3.96 -0.81 10.38
C ASN A 2 2.65 -1.31 9.76
N VAL A 3 1.55 -0.66 10.14
CA VAL A 3 0.22 -1.01 9.64
C VAL A 3 -0.35 0.15 8.81
N LYS A 4 -0.94 -0.17 7.66
CA LYS A 4 -1.52 0.86 6.79
C LYS A 4 -0.46 1.82 6.26
N SER A 5 0.63 1.26 5.77
CA SER A 5 1.71 2.07 5.24
C SER A 5 1.35 2.55 3.83
N LYS A 6 1.85 3.73 3.47
CA LYS A 6 1.57 4.30 2.16
C LYS A 6 2.00 3.35 1.04
N ILE A 7 3.08 2.62 1.25
CA ILE A 7 3.54 1.69 0.23
C ILE A 7 2.44 0.68 -0.08
N GLY A 8 1.68 0.29 0.92
CA GLY A 8 0.59 -0.66 0.70
C GLY A 8 -0.34 -0.13 -0.39
N SER A 9 -0.49 1.19 -0.44
CA SER A 9 -1.33 1.81 -1.46
C SER A 9 -0.82 1.41 -2.83
N THR A 10 0.50 1.28 -2.97
CA THR A 10 1.06 0.89 -4.26
C THR A 10 0.71 -0.55 -4.58
N GLU A 11 0.43 -1.34 -3.54
CA GLU A 11 0.09 -2.75 -3.74
C GLU A 11 -1.11 -2.88 -4.67
N ASN A 12 -2.03 -1.93 -4.57
CA ASN A 12 -3.24 -1.93 -5.40
C ASN A 12 -2.91 -1.95 -6.89
N LEU A 13 -1.81 -1.30 -7.29
CA LEU A 13 -1.44 -1.23 -8.71
C LEU A 13 -2.50 -0.45 -9.48
N LYS A 14 -2.83 -0.96 -10.66
CA LYS A 14 -3.83 -0.37 -11.53
C LYS A 14 -4.80 -1.45 -11.97
N HIS A 15 -5.97 -1.06 -12.48
CA HIS A 15 -6.95 -2.05 -12.88
C HIS A 15 -7.78 -1.55 -14.06
N LYS A 1 4.69 3.35 10.93
CA LYS A 1 5.04 2.22 11.78
C LYS A 1 5.18 0.95 10.94
N ASN A 2 5.18 -0.19 11.61
CA ASN A 2 5.30 -1.47 10.90
C ASN A 2 3.92 -1.96 10.46
N VAL A 3 2.92 -1.12 10.69
CA VAL A 3 1.54 -1.46 10.30
C VAL A 3 0.91 -0.27 9.58
N LYS A 4 0.08 -0.56 8.57
CA LYS A 4 -0.60 0.50 7.82
C LYS A 4 0.42 1.34 7.03
N SER A 5 1.30 0.65 6.30
CA SER A 5 2.33 1.32 5.51
C SER A 5 1.76 1.86 4.19
N LYS A 6 2.38 2.94 3.71
CA LYS A 6 1.98 3.60 2.46
C LYS A 6 2.02 2.63 1.28
N ILE A 7 2.92 1.66 1.35
CA ILE A 7 3.10 0.70 0.26
C ILE A 7 1.78 0.01 -0.09
N GLY A 8 0.92 -0.19 0.89
CA GLY A 8 -0.35 -0.86 0.62
C GLY A 8 -1.03 -0.19 -0.56
N SER A 9 -0.81 1.10 -0.77
CA SER A 9 -1.41 1.78 -1.90
C SER A 9 -0.97 1.04 -3.18
N THR A 10 0.26 0.53 -3.14
CA THR A 10 0.82 -0.23 -4.25
C THR A 10 -0.08 -1.43 -4.55
N GLU A 11 -0.65 -2.01 -3.50
CA GLU A 11 -1.51 -3.17 -3.63
C GLU A 11 -2.62 -2.93 -4.65
N ASN A 12 -3.09 -1.70 -4.77
CA ASN A 12 -4.16 -1.41 -5.74
C ASN A 12 -3.78 -1.88 -7.13
N LEU A 13 -2.51 -1.76 -7.51
CA LEU A 13 -2.09 -2.17 -8.85
C LEU A 13 -3.18 -1.83 -9.86
N LYS A 14 -3.19 -0.59 -10.29
CA LYS A 14 -4.19 -0.15 -11.25
C LYS A 14 -4.13 -1.00 -12.52
N HIS A 15 -2.89 -1.36 -12.91
CA HIS A 15 -2.64 -2.17 -14.12
C HIS A 15 -3.92 -2.69 -14.75
N LYS A 1 4.51 3.82 12.91
CA LYS A 1 5.51 2.92 12.34
C LYS A 1 4.96 2.20 11.10
N ASN A 2 4.13 2.91 10.35
CA ASN A 2 3.56 2.35 9.13
C ASN A 2 2.72 1.11 9.41
N VAL A 3 1.91 1.17 10.47
CA VAL A 3 1.04 0.03 10.81
C VAL A 3 0.10 -0.24 9.65
N LYS A 4 -0.39 0.83 9.04
CA LYS A 4 -1.31 0.74 7.91
C LYS A 4 -0.53 0.57 6.60
N SER A 5 0.79 0.48 6.72
CA SER A 5 1.65 0.33 5.55
C SER A 5 1.08 1.03 4.32
N LYS A 6 1.66 2.19 4.03
CA LYS A 6 1.27 3.01 2.89
C LYS A 6 1.39 2.24 1.57
N ILE A 7 2.37 1.34 1.52
CA ILE A 7 2.64 0.56 0.33
C ILE A 7 1.41 -0.23 -0.12
N GLY A 8 0.59 -0.70 0.81
CA GLY A 8 -0.58 -1.46 0.43
C GLY A 8 -1.41 -0.70 -0.61
N SER A 9 -1.44 0.62 -0.53
CA SER A 9 -2.20 1.37 -1.52
C SER A 9 -1.60 1.11 -2.91
N THR A 10 -0.29 0.88 -2.95
CA THR A 10 0.39 0.58 -4.21
C THR A 10 0.04 -0.83 -4.67
N GLU A 11 -0.51 -1.62 -3.75
CA GLU A 11 -0.84 -3.01 -4.04
C GLU A 11 -1.74 -3.14 -5.27
N ASN A 12 -2.64 -2.19 -5.50
CA ASN A 12 -3.49 -2.26 -6.69
C ASN A 12 -2.59 -2.36 -7.89
N LEU A 13 -1.48 -1.67 -7.76
CA LEU A 13 -0.49 -1.58 -8.80
C LEU A 13 -1.11 -0.87 -10.00
N LYS A 14 -1.33 -1.58 -11.09
CA LYS A 14 -1.91 -0.96 -12.27
C LYS A 14 -3.29 -0.36 -12.04
N HIS A 15 -4.13 -1.03 -11.26
CA HIS A 15 -5.49 -0.55 -11.03
C HIS A 15 -5.62 0.21 -9.71
N LYS A 1 2.65 1.89 13.27
CA LYS A 1 3.63 2.38 12.31
C LYS A 1 3.80 1.38 11.16
N ASN A 2 3.96 0.10 11.50
CA ASN A 2 4.14 -0.93 10.48
C ASN A 2 2.79 -1.47 10.01
N VAL A 3 1.70 -0.87 10.48
CA VAL A 3 0.35 -1.30 10.09
C VAL A 3 -0.34 -0.18 9.31
N LYS A 4 -1.00 -0.55 8.21
CA LYS A 4 -1.70 0.44 7.39
C LYS A 4 -0.67 1.42 6.82
N SER A 5 0.35 0.89 6.17
CA SER A 5 1.41 1.73 5.61
C SER A 5 0.95 2.39 4.31
N LYS A 6 1.44 3.61 4.09
CA LYS A 6 1.09 4.38 2.89
C LYS A 6 1.47 3.64 1.62
N ILE A 7 2.58 2.90 1.67
CA ILE A 7 3.02 2.16 0.50
C ILE A 7 1.94 1.19 0.05
N GLY A 8 1.06 0.80 0.95
CA GLY A 8 0.02 -0.13 0.62
C GLY A 8 -0.72 0.34 -0.62
N SER A 9 -0.82 1.65 -0.78
CA SER A 9 -1.48 2.17 -1.97
C SER A 9 -0.71 1.69 -3.19
N THR A 10 0.60 1.50 -3.02
CA THR A 10 1.46 1.00 -4.09
C THR A 10 0.98 -0.36 -4.55
N GLU A 11 0.51 -1.15 -3.59
CA GLU A 11 0.06 -2.51 -3.84
C GLU A 11 -1.03 -2.59 -4.91
N ASN A 12 -1.90 -1.59 -5.01
CA ASN A 12 -2.95 -1.63 -6.01
C ASN A 12 -2.39 -1.78 -7.41
N LEU A 13 -1.25 -1.18 -7.67
CA LEU A 13 -0.69 -1.24 -9.01
C LEU A 13 -1.68 -0.54 -9.92
N LYS A 14 -1.81 -1.03 -11.12
CA LYS A 14 -2.78 -0.45 -12.05
C LYS A 14 -4.19 -0.52 -11.48
N HIS A 15 -4.49 -1.63 -10.79
CA HIS A 15 -5.82 -1.81 -10.21
C HIS A 15 -6.18 -0.60 -9.34
N LYS A 1 4.05 2.52 10.74
CA LYS A 1 5.07 1.53 11.09
C LYS A 1 5.18 0.51 9.98
N ASN A 2 5.29 -0.76 10.36
CA ASN A 2 5.38 -1.82 9.38
C ASN A 2 3.97 -2.21 8.96
N VAL A 3 2.97 -1.49 9.49
CA VAL A 3 1.57 -1.76 9.17
C VAL A 3 0.82 -0.49 8.80
N LYS A 4 -0.11 -0.61 7.85
CA LYS A 4 -0.93 0.53 7.39
C LYS A 4 -0.04 1.59 6.72
N SER A 5 0.95 1.13 5.97
CA SER A 5 1.85 2.05 5.27
C SER A 5 1.17 2.64 4.04
N LYS A 6 1.71 3.76 3.55
CA LYS A 6 1.19 4.40 2.34
C LYS A 6 1.25 3.42 1.17
N ILE A 7 2.24 2.55 1.23
CA ILE A 7 2.50 1.56 0.19
C ILE A 7 1.29 0.68 -0.08
N GLY A 8 0.50 0.37 0.94
CA GLY A 8 -0.66 -0.47 0.74
C GLY A 8 -1.49 0.07 -0.41
N SER A 9 -1.49 1.39 -0.59
CA SER A 9 -2.23 1.95 -1.70
C SER A 9 -1.72 1.34 -3.00
N THR A 10 -0.42 1.07 -3.03
CA THR A 10 0.22 0.45 -4.21
C THR A 10 -0.27 -0.99 -4.36
N GLU A 11 -0.84 -1.52 -3.29
CA GLU A 11 -1.34 -2.89 -3.27
C GLU A 11 -2.31 -3.11 -4.44
N ASN A 12 -3.03 -2.06 -4.81
CA ASN A 12 -3.98 -2.13 -5.93
C ASN A 12 -3.29 -2.60 -7.23
N LEU A 13 -2.01 -2.24 -7.39
CA LEU A 13 -1.26 -2.59 -8.62
C LEU A 13 -1.83 -1.88 -9.84
N LYS A 14 -2.75 -0.95 -9.61
CA LYS A 14 -3.36 -0.19 -10.70
C LYS A 14 -4.16 -1.13 -11.59
N HIS A 15 -4.89 -2.04 -10.95
CA HIS A 15 -5.75 -3.02 -11.64
C HIS A 15 -6.20 -4.11 -10.69
N LYS A 1 3.37 3.91 13.17
CA LYS A 1 4.05 2.63 13.27
C LYS A 1 4.00 1.90 11.94
N ASN A 2 4.35 0.62 11.97
CA ASN A 2 4.33 -0.19 10.76
C ASN A 2 2.94 -0.79 10.53
N VAL A 3 1.97 -0.42 11.36
CA VAL A 3 0.62 -0.97 11.20
C VAL A 3 0.07 -0.66 9.82
N LYS A 4 0.41 0.50 9.29
CA LYS A 4 -0.04 0.86 7.95
C LYS A 4 1.14 1.36 7.14
N SER A 5 1.30 0.80 5.96
CA SER A 5 2.42 1.19 5.09
C SER A 5 1.95 1.74 3.75
N LYS A 6 2.68 2.75 3.27
CA LYS A 6 2.39 3.39 1.98
C LYS A 6 2.44 2.37 0.86
N ILE A 7 3.28 1.36 1.01
CA ILE A 7 3.44 0.35 -0.03
C ILE A 7 2.10 -0.26 -0.38
N GLY A 8 1.23 -0.45 0.60
CA GLY A 8 -0.08 -1.02 0.30
C GLY A 8 -0.76 -0.18 -0.79
N SER A 9 -0.53 1.13 -0.76
CA SER A 9 -1.12 1.99 -1.78
C SER A 9 -0.67 1.56 -3.17
N THR A 10 0.58 1.12 -3.27
CA THR A 10 1.14 0.66 -4.54
C THR A 10 0.48 -0.64 -4.97
N GLU A 11 -0.12 -1.35 -4.03
CA GLU A 11 -0.77 -2.62 -4.30
C GLU A 11 -1.83 -2.45 -5.38
N ASN A 12 -2.45 -1.28 -5.43
CA ASN A 12 -3.50 -1.02 -6.42
C ASN A 12 -3.02 -1.30 -7.85
N LEU A 13 -1.74 -1.06 -8.12
CA LEU A 13 -1.22 -1.32 -9.48
C LEU A 13 -2.25 -1.01 -10.55
N LYS A 14 -3.10 -0.02 -10.30
CA LYS A 14 -4.13 0.34 -11.27
C LYS A 14 -5.08 -0.85 -11.42
N HIS A 15 -5.46 -1.40 -10.28
CA HIS A 15 -6.33 -2.57 -10.25
C HIS A 15 -6.91 -2.77 -8.85
N LYS A 1 2.86 0.63 12.94
CA LYS A 1 3.72 1.32 11.99
C LYS A 1 4.21 0.31 10.98
N ASN A 2 4.27 -0.92 11.43
CA ASN A 2 4.64 -1.99 10.55
C ASN A 2 3.35 -2.42 9.88
N VAL A 3 2.30 -1.63 10.16
CA VAL A 3 0.97 -1.91 9.60
C VAL A 3 0.38 -0.65 8.97
N LYS A 4 -0.34 -0.84 7.86
CA LYS A 4 -0.98 0.27 7.15
C LYS A 4 0.06 1.23 6.57
N SER A 5 1.10 0.68 5.95
CA SER A 5 2.13 1.53 5.37
C SER A 5 1.62 2.22 4.11
N LYS A 6 2.29 3.30 3.74
CA LYS A 6 1.94 4.08 2.54
C LYS A 6 2.01 3.22 1.27
N ILE A 7 2.97 2.30 1.25
CA ILE A 7 3.19 1.44 0.10
C ILE A 7 1.98 0.58 -0.27
N GLY A 8 1.20 0.16 0.71
CA GLY A 8 0.05 -0.68 0.42
C GLY A 8 -0.83 -0.03 -0.64
N SER A 9 -0.92 1.29 -0.64
CA SER A 9 -1.72 1.96 -1.65
C SER A 9 -1.22 1.59 -3.05
N THR A 10 0.11 1.45 -3.17
CA THR A 10 0.73 1.08 -4.44
C THR A 10 0.40 -0.35 -4.82
N GLU A 11 -0.01 -1.14 -3.84
CA GLU A 11 -0.31 -2.55 -4.06
C GLU A 11 -1.34 -2.73 -5.18
N ASN A 12 -2.28 -1.80 -5.28
CA ASN A 12 -3.30 -1.90 -6.32
C ASN A 12 -2.71 -1.98 -7.70
N LEU A 13 -1.60 -1.28 -7.91
CA LEU A 13 -1.00 -1.23 -9.23
C LEU A 13 -2.00 -0.57 -10.16
N LYS A 14 -2.06 -1.05 -11.36
CA LYS A 14 -2.99 -0.49 -12.34
C LYS A 14 -4.43 -0.61 -11.84
N HIS A 15 -4.73 -1.73 -11.19
CA HIS A 15 -6.07 -1.98 -10.67
C HIS A 15 -6.24 -1.33 -9.29
N LYS A 1 6.88 0.13 13.53
CA LYS A 1 5.78 -0.82 13.58
C LYS A 1 5.39 -1.22 12.16
N ASN A 2 5.19 -0.20 11.35
CA ASN A 2 4.77 -0.36 9.97
C ASN A 2 3.43 -1.07 9.91
N VAL A 3 2.56 -0.78 10.88
CA VAL A 3 1.23 -1.39 10.86
C VAL A 3 0.48 -0.93 9.64
N LYS A 4 0.70 0.31 9.27
CA LYS A 4 0.09 0.86 8.10
C LYS A 4 1.14 1.45 7.20
N SER A 5 1.03 1.18 5.92
CA SER A 5 1.99 1.74 4.97
C SER A 5 1.31 2.33 3.74
N LYS A 6 2.00 3.28 3.12
CA LYS A 6 1.51 3.92 1.91
C LYS A 6 1.31 2.88 0.82
N ILE A 7 2.14 1.83 0.88
CA ILE A 7 2.11 0.77 -0.10
C ILE A 7 0.72 0.15 -0.19
N GLY A 8 0.03 0.05 0.92
CA GLY A 8 -1.28 -0.54 0.86
C GLY A 8 -2.10 0.19 -0.19
N SER A 9 -1.93 1.51 -0.29
CA SER A 9 -2.64 2.26 -1.32
C SER A 9 -2.17 1.81 -2.71
N THR A 10 -0.90 1.41 -2.80
CA THR A 10 -0.33 0.94 -4.06
C THR A 10 -0.89 -0.42 -4.43
N GLU A 11 -1.46 -1.08 -3.43
CA GLU A 11 -2.05 -2.39 -3.60
C GLU A 11 -3.10 -2.35 -4.71
N ASN A 12 -3.72 -1.18 -4.89
CA ASN A 12 -4.78 -1.01 -5.89
C ASN A 12 -4.37 -1.46 -7.25
N LEU A 13 -3.12 -1.31 -7.61
CA LEU A 13 -2.68 -1.77 -8.91
C LEU A 13 -3.80 -1.68 -9.96
N LYS A 14 -3.46 -0.97 -10.97
CA LYS A 14 -4.35 -0.69 -12.11
C LYS A 14 -4.90 -2.00 -12.69
N HIS A 15 -4.09 -3.06 -12.68
CA HIS A 15 -4.52 -4.36 -13.20
C HIS A 15 -4.77 -5.35 -12.07
N LYS A 1 4.26 3.38 10.13
CA LYS A 1 5.05 2.25 10.61
C LYS A 1 4.71 0.99 9.82
N ASN A 2 5.08 -0.13 10.41
CA ASN A 2 4.83 -1.46 9.88
C ASN A 2 3.35 -1.68 9.63
N VAL A 3 2.49 -0.99 10.40
CA VAL A 3 1.05 -1.21 10.26
C VAL A 3 0.39 0.03 9.64
N LYS A 4 -0.53 -0.25 8.71
CA LYS A 4 -1.22 0.82 7.97
C LYS A 4 -0.19 1.59 7.14
N SER A 5 0.72 0.88 6.47
CA SER A 5 1.73 1.58 5.67
C SER A 5 1.15 2.12 4.37
N LYS A 6 1.74 3.20 3.90
CA LYS A 6 1.36 3.86 2.65
C LYS A 6 1.55 2.98 1.40
N ILE A 7 2.60 2.16 1.43
CA ILE A 7 2.95 1.32 0.27
C ILE A 7 1.85 0.36 -0.17
N GLY A 8 1.07 -0.18 0.77
CA GLY A 8 0.02 -1.12 0.38
C GLY A 8 -0.88 -0.52 -0.68
N SER A 9 -1.10 0.79 -0.63
CA SER A 9 -1.94 1.44 -1.62
C SER A 9 -1.38 1.20 -3.04
N THR A 10 -0.04 1.15 -3.15
CA THR A 10 0.62 0.91 -4.45
C THR A 10 0.35 -0.52 -4.95
N GLU A 11 0.02 -1.41 -4.01
CA GLU A 11 -0.25 -2.81 -4.31
C GLU A 11 -1.39 -2.94 -5.32
N ASN A 12 -2.30 -1.98 -5.29
CA ASN A 12 -3.48 -1.96 -6.14
C ASN A 12 -3.19 -2.41 -7.59
N LEU A 13 -1.91 -2.62 -7.93
CA LEU A 13 -1.50 -3.06 -9.27
C LEU A 13 -1.82 -2.02 -10.34
N LYS A 14 -2.34 -0.86 -9.97
CA LYS A 14 -2.67 0.14 -10.97
C LYS A 14 -3.71 -0.51 -11.88
N HIS A 15 -4.66 -1.17 -11.23
CA HIS A 15 -5.71 -1.90 -11.93
C HIS A 15 -6.84 -2.26 -10.98
N LYS A 1 2.60 4.97 11.72
CA LYS A 1 3.61 3.94 11.52
C LYS A 1 3.40 3.20 10.21
N ASN A 2 4.39 2.42 9.81
CA ASN A 2 4.27 1.68 8.56
C ASN A 2 3.56 0.35 8.79
N VAL A 3 3.07 0.11 10.01
CA VAL A 3 2.37 -1.13 10.28
C VAL A 3 1.16 -1.16 9.35
N LYS A 4 0.54 0.01 9.21
CA LYS A 4 -0.59 0.17 8.30
C LYS A 4 -0.12 -0.22 6.91
N SER A 5 1.14 0.11 6.66
CA SER A 5 1.80 -0.15 5.38
C SER A 5 1.12 0.59 4.23
N LYS A 6 1.60 1.80 3.99
CA LYS A 6 1.11 2.62 2.90
C LYS A 6 1.31 1.88 1.59
N ILE A 7 2.39 1.11 1.56
CA ILE A 7 2.76 0.33 0.38
C ILE A 7 1.62 -0.59 -0.03
N GLY A 8 0.88 -1.09 0.94
CA GLY A 8 -0.22 -1.98 0.61
C GLY A 8 -1.09 -1.33 -0.45
N SER A 9 -1.20 -0.01 -0.43
CA SER A 9 -1.99 0.66 -1.45
C SER A 9 -1.44 0.28 -2.83
N THR A 10 -0.11 0.13 -2.90
CA THR A 10 0.55 -0.25 -4.15
C THR A 10 0.22 -1.69 -4.50
N GLU A 11 -0.26 -2.43 -3.50
CA GLU A 11 -0.59 -3.84 -3.70
C GLU A 11 -1.58 -4.00 -4.85
N ASN A 12 -2.45 -3.01 -5.03
CA ASN A 12 -3.42 -3.06 -6.12
C ASN A 12 -2.80 -2.61 -7.41
N LEU A 13 -1.51 -2.30 -7.36
CA LEU A 13 -0.83 -1.87 -8.56
C LEU A 13 -1.47 -0.58 -9.02
N LYS A 14 -1.58 -0.45 -10.32
CA LYS A 14 -2.24 0.70 -10.91
C LYS A 14 -3.71 0.39 -11.05
N HIS A 15 -4.01 -0.54 -11.94
CA HIS A 15 -5.38 -0.98 -12.17
C HIS A 15 -6.06 -1.26 -10.83
N LYS A 1 5.04 3.73 9.82
CA LYS A 1 4.80 2.62 10.73
C LYS A 1 4.64 1.34 9.91
N ASN A 2 4.67 0.17 10.55
CA ASN A 2 4.54 -1.07 9.79
C ASN A 2 3.08 -1.42 9.55
N VAL A 3 2.16 -0.57 9.99
CA VAL A 3 0.74 -0.80 9.74
C VAL A 3 0.09 0.46 9.18
N LYS A 4 -0.93 0.28 8.35
CA LYS A 4 -1.64 1.41 7.76
C LYS A 4 -0.62 2.26 6.99
N SER A 5 0.31 1.59 6.32
CA SER A 5 1.35 2.29 5.59
C SER A 5 0.87 2.83 4.24
N LYS A 6 1.60 3.81 3.74
CA LYS A 6 1.33 4.40 2.43
C LYS A 6 1.45 3.32 1.35
N ILE A 7 2.34 2.37 1.61
CA ILE A 7 2.63 1.28 0.67
C ILE A 7 1.37 0.50 0.31
N GLY A 8 0.45 0.33 1.26
CA GLY A 8 -0.76 -0.42 0.97
C GLY A 8 -1.42 0.16 -0.28
N SER A 9 -1.28 1.46 -0.50
CA SER A 9 -1.86 2.08 -1.68
C SER A 9 -1.32 1.40 -2.95
N THR A 10 -0.05 0.98 -2.90
CA THR A 10 0.57 0.32 -4.04
C THR A 10 -0.07 -1.05 -4.27
N GLU A 11 -0.69 -1.58 -3.23
CA GLU A 11 -1.36 -2.89 -3.29
C GLU A 11 -2.41 -2.94 -4.40
N ASN A 12 -3.03 -1.79 -4.66
CA ASN A 12 -4.09 -1.72 -5.68
C ASN A 12 -3.64 -2.23 -7.05
N LEU A 13 -2.36 -2.09 -7.38
CA LEU A 13 -1.90 -2.51 -8.70
C LEU A 13 -2.85 -1.98 -9.76
N LYS A 14 -2.52 -0.83 -10.32
CA LYS A 14 -3.36 -0.20 -11.32
C LYS A 14 -3.60 -1.13 -12.51
N HIS A 15 -2.58 -1.89 -12.90
CA HIS A 15 -2.69 -2.81 -14.02
C HIS A 15 -4.13 -3.28 -14.21
N LYS A 1 5.99 2.97 10.06
CA LYS A 1 5.42 1.78 10.65
C LYS A 1 5.15 0.73 9.58
N ASN A 2 5.10 -0.55 9.97
CA ASN A 2 4.85 -1.60 9.00
C ASN A 2 3.36 -1.78 8.77
N VAL A 3 2.56 -0.94 9.43
CA VAL A 3 1.12 -0.98 9.25
C VAL A 3 0.61 0.42 8.95
N LYS A 4 -0.52 0.51 8.26
CA LYS A 4 -1.09 1.82 7.95
C LYS A 4 -0.10 2.62 7.09
N SER A 5 0.46 1.98 6.06
CA SER A 5 1.46 2.65 5.22
C SER A 5 1.01 2.84 3.77
N LYS A 6 1.52 3.93 3.18
CA LYS A 6 1.24 4.28 1.79
C LYS A 6 1.64 3.16 0.84
N ILE A 7 2.67 2.42 1.19
CA ILE A 7 3.17 1.33 0.34
C ILE A 7 2.03 0.36 0.03
N GLY A 8 1.12 0.15 0.97
CA GLY A 8 0.02 -0.76 0.74
C GLY A 8 -0.67 -0.36 -0.55
N SER A 9 -0.66 0.92 -0.88
CA SER A 9 -1.26 1.38 -2.12
C SER A 9 -0.63 0.63 -3.28
N THR A 10 0.66 0.34 -3.13
CA THR A 10 1.39 -0.41 -4.17
C THR A 10 0.70 -1.74 -4.42
N GLU A 11 0.19 -2.33 -3.34
CA GLU A 11 -0.51 -3.61 -3.43
C GLU A 11 -1.67 -3.51 -4.43
N ASN A 12 -2.28 -2.33 -4.51
CA ASN A 12 -3.38 -2.13 -5.45
C ASN A 12 -2.92 -2.51 -6.86
N LEU A 13 -1.63 -2.27 -7.12
CA LEU A 13 -1.03 -2.56 -8.41
C LEU A 13 -1.50 -1.56 -9.46
N LYS A 14 -2.76 -1.16 -9.38
CA LYS A 14 -3.29 -0.19 -10.34
C LYS A 14 -3.22 -0.80 -11.74
N HIS A 15 -3.60 -2.08 -11.83
CA HIS A 15 -3.57 -2.83 -13.08
C HIS A 15 -2.71 -2.14 -14.13
N LYS A 1 6.38 1.25 13.01
CA LYS A 1 5.66 0.02 13.32
C LYS A 1 5.65 -0.82 12.07
N ASN A 2 5.84 -0.09 11.00
CA ASN A 2 5.79 -0.64 9.66
C ASN A 2 4.41 -1.23 9.41
N VAL A 3 3.36 -0.57 9.93
CA VAL A 3 2.00 -1.07 9.65
C VAL A 3 1.09 0.06 9.14
N LYS A 4 0.10 -0.33 8.33
CA LYS A 4 -0.88 0.62 7.80
C LYS A 4 -0.20 1.72 6.98
N SER A 5 0.80 1.37 6.18
CA SER A 5 1.49 2.36 5.37
C SER A 5 0.60 2.94 4.26
N LYS A 6 0.90 4.19 3.88
CA LYS A 6 0.17 4.87 2.81
C LYS A 6 0.31 4.11 1.50
N ILE A 7 1.47 3.48 1.34
CA ILE A 7 1.82 2.75 0.12
C ILE A 7 0.82 1.65 -0.22
N GLY A 8 0.08 1.15 0.78
CA GLY A 8 -0.86 0.08 0.51
C GLY A 8 -1.71 0.46 -0.68
N SER A 9 -1.98 1.75 -0.83
CA SER A 9 -2.74 2.18 -1.98
C SER A 9 -2.02 1.74 -3.26
N THR A 10 -0.68 1.76 -3.21
CA THR A 10 0.12 1.34 -4.37
C THR A 10 0.02 -0.16 -4.59
N GLU A 11 -0.43 -0.88 -3.57
CA GLU A 11 -0.56 -2.32 -3.66
C GLU A 11 -1.44 -2.73 -4.84
N ASN A 12 -2.43 -1.89 -5.18
CA ASN A 12 -3.31 -2.20 -6.30
C ASN A 12 -2.50 -2.47 -7.57
N LEU A 13 -1.39 -1.74 -7.71
CA LEU A 13 -0.50 -1.91 -8.86
C LEU A 13 -1.17 -1.53 -10.18
N LYS A 14 -1.68 -2.54 -10.89
CA LYS A 14 -2.33 -2.30 -12.18
C LYS A 14 -3.70 -2.96 -12.17
N HIS A 15 -4.71 -2.20 -12.60
CA HIS A 15 -6.07 -2.69 -12.63
C HIS A 15 -6.49 -3.04 -14.05
N LYS A 1 3.16 2.35 9.57
CA LYS A 1 4.43 1.72 9.92
C LYS A 1 4.38 0.23 9.61
N ASN A 2 4.60 -0.58 10.63
CA ASN A 2 4.58 -2.03 10.46
C ASN A 2 3.25 -2.48 9.86
N VAL A 3 2.18 -1.78 10.22
CA VAL A 3 0.86 -2.11 9.70
C VAL A 3 0.17 -0.86 9.15
N LYS A 4 -0.56 -1.05 8.05
CA LYS A 4 -1.28 0.03 7.40
C LYS A 4 -0.32 1.10 6.87
N SER A 5 0.80 0.67 6.29
CA SER A 5 1.77 1.63 5.75
C SER A 5 1.27 2.24 4.44
N LYS A 6 1.83 3.38 4.07
CA LYS A 6 1.45 4.06 2.83
C LYS A 6 1.70 3.16 1.62
N ILE A 7 2.74 2.35 1.70
CA ILE A 7 3.11 1.46 0.60
C ILE A 7 1.97 0.53 0.22
N GLY A 8 1.19 0.08 1.19
CA GLY A 8 0.09 -0.81 0.89
C GLY A 8 -0.81 -0.18 -0.16
N SER A 9 -0.95 1.14 -0.15
CA SER A 9 -1.79 1.80 -1.14
C SER A 9 -1.26 1.54 -2.56
N THR A 10 0.06 1.35 -2.67
CA THR A 10 0.66 1.08 -3.97
C THR A 10 0.25 -0.32 -4.45
N GLU A 11 -0.13 -1.14 -3.48
CA GLU A 11 -0.55 -2.52 -3.74
C GLU A 11 -1.74 -2.57 -4.70
N ASN A 12 -2.57 -1.54 -4.70
CA ASN A 12 -3.77 -1.50 -5.53
C ASN A 12 -3.59 -2.07 -6.94
N LEU A 13 -2.36 -2.31 -7.40
CA LEU A 13 -2.19 -2.84 -8.78
C LEU A 13 -3.20 -2.20 -9.71
N LYS A 14 -2.83 -1.10 -10.37
CA LYS A 14 -3.76 -0.44 -11.26
C LYS A 14 -4.24 -1.40 -12.35
N HIS A 15 -3.35 -2.29 -12.78
CA HIS A 15 -3.69 -3.28 -13.80
C HIS A 15 -4.65 -2.68 -14.83
#